data_3ATP
#
_entry.id   3ATP
#
_cell.length_a   51.972
_cell.length_b   133.737
_cell.length_c   39.571
_cell.angle_alpha   90.00
_cell.angle_beta   90.00
_cell.angle_gamma   90.00
#
_symmetry.space_group_name_H-M   'P 21 21 2'
#
loop_
_entity.id
_entity.type
_entity.pdbx_description
1 polymer 'Methyl-accepting chemotaxis protein I'
2 non-polymer SERINE
3 water water
#
_entity_poly.entity_id   1
_entity_poly.type   'polypeptide(L)'
_entity_poly.pdbx_seq_one_letter_code
;GPLGSGGLFFNALKNDKENFTVLQTIRQQQSTLNGSWVALLQTRNTLNRAGIRYMMDQNNIGSGSTVAELMESASISLKQ
AEKNWADYEALPRDPRQSTAAAAEIKRNYDIYHNALAELIQLLGAGKINEFFDQPTQGYQDGFEKQYVAYMEQNDRLHDI
AVSDNNASYS
;
_entity_poly.pdbx_strand_id   A,B
#
# COMPACT_ATOMS: atom_id res chain seq x y z
N ASN A 19 -22.80 -1.24 -20.72
CA ASN A 19 -22.19 0.10 -20.46
C ASN A 19 -22.21 0.36 -18.95
N PHE A 20 -23.30 0.94 -18.49
CA PHE A 20 -23.46 1.26 -17.07
C PHE A 20 -22.94 0.15 -16.18
N THR A 21 -23.02 -1.08 -16.67
CA THR A 21 -22.62 -2.24 -15.90
C THR A 21 -21.15 -2.67 -15.96
N VAL A 22 -20.49 -2.47 -17.09
CA VAL A 22 -19.08 -2.84 -17.22
C VAL A 22 -18.25 -1.91 -16.35
N LEU A 23 -18.91 -0.90 -15.82
CA LEU A 23 -18.29 0.11 -14.98
C LEU A 23 -18.16 -0.17 -13.47
N GLN A 24 -18.98 -1.07 -12.93
CA GLN A 24 -18.86 -1.37 -11.50
C GLN A 24 -17.91 -2.53 -11.41
N THR A 25 -18.01 -3.40 -12.40
CA THR A 25 -17.17 -4.58 -12.49
C THR A 25 -15.72 -4.14 -12.49
N ILE A 26 -15.35 -3.40 -13.53
CA ILE A 26 -13.98 -2.94 -13.65
C ILE A 26 -13.55 -2.16 -12.42
N ARG A 27 -14.51 -1.49 -11.79
CA ARG A 27 -14.21 -0.70 -10.62
C ARG A 27 -14.23 -1.46 -9.30
N GLN A 28 -14.86 -2.62 -9.27
CA GLN A 28 -14.87 -3.42 -8.06
C GLN A 28 -13.57 -4.24 -8.12
N GLN A 29 -13.06 -4.37 -9.34
CA GLN A 29 -11.82 -5.09 -9.59
C GLN A 29 -10.67 -4.24 -9.06
N GLN A 30 -10.72 -2.93 -9.34
CA GLN A 30 -9.66 -2.05 -8.85
C GLN A 30 -9.72 -2.15 -7.34
N SER A 31 -10.87 -1.72 -6.84
CA SER A 31 -11.26 -1.72 -5.44
C SER A 31 -10.61 -2.89 -4.71
N THR A 32 -10.97 -4.06 -5.19
CA THR A 32 -10.50 -5.32 -4.68
C THR A 32 -8.99 -5.56 -4.83
N LEU A 33 -8.44 -5.23 -5.98
CA LEU A 33 -7.02 -5.45 -6.20
C LEU A 33 -6.15 -4.50 -5.35
N ASN A 34 -6.65 -3.29 -5.10
CA ASN A 34 -5.92 -2.34 -4.30
C ASN A 34 -5.78 -2.86 -2.88
N GLY A 35 -6.91 -3.33 -2.35
CA GLY A 35 -6.93 -3.86 -1.00
C GLY A 35 -5.93 -4.98 -0.84
N SER A 36 -5.85 -5.85 -1.83
CA SER A 36 -4.94 -6.98 -1.75
C SER A 36 -3.55 -6.39 -1.71
N TRP A 37 -3.30 -5.47 -2.65
CA TRP A 37 -2.01 -4.80 -2.80
C TRP A 37 -1.59 -4.24 -1.46
N VAL A 38 -2.45 -3.40 -0.89
CA VAL A 38 -2.15 -2.78 0.39
C VAL A 38 -1.89 -3.87 1.44
N ALA A 39 -2.76 -4.89 1.51
CA ALA A 39 -2.56 -5.92 2.51
C ALA A 39 -1.24 -6.71 2.43
N LEU A 40 -0.75 -6.90 1.22
CA LEU A 40 0.51 -7.60 1.08
C LEU A 40 1.61 -6.70 1.63
N LEU A 41 1.45 -5.42 1.31
CA LEU A 41 2.39 -4.40 1.75
C LEU A 41 2.39 -4.23 3.26
N GLN A 42 1.21 -4.31 3.87
CA GLN A 42 1.19 -4.16 5.31
C GLN A 42 1.79 -5.42 5.91
N THR A 43 1.59 -6.53 5.24
CA THR A 43 2.12 -7.79 5.70
C THR A 43 3.65 -7.76 5.70
N ARG A 44 4.21 -7.32 4.60
CA ARG A 44 5.65 -7.26 4.45
C ARG A 44 6.28 -6.44 5.58
N ASN A 45 5.73 -5.26 5.81
CA ASN A 45 6.23 -4.37 6.86
C ASN A 45 6.09 -4.94 8.25
N THR A 46 5.00 -5.66 8.49
CA THR A 46 4.80 -6.26 9.80
C THR A 46 5.89 -7.30 9.96
N LEU A 47 5.90 -8.26 9.04
CA LEU A 47 6.89 -9.32 9.05
C LEU A 47 8.25 -8.71 9.34
N ASN A 48 8.44 -7.47 8.90
CA ASN A 48 9.72 -6.80 9.10
C ASN A 48 9.91 -6.23 10.49
N ARG A 49 8.84 -6.12 11.26
CA ARG A 49 8.94 -5.62 12.62
C ARG A 49 9.13 -6.83 13.51
N ALA A 50 8.94 -8.00 12.92
CA ALA A 50 9.13 -9.24 13.66
C ALA A 50 10.61 -9.56 13.55
N GLY A 51 11.15 -9.40 12.34
CA GLY A 51 12.56 -9.66 12.15
C GLY A 51 13.33 -8.70 13.02
N ILE A 52 12.73 -7.55 13.27
CA ILE A 52 13.34 -6.52 14.08
C ILE A 52 13.37 -6.85 15.57
N ARG A 53 12.22 -7.25 16.07
CA ARG A 53 12.03 -7.56 17.46
C ARG A 53 12.46 -8.96 17.86
N TYR A 54 12.69 -9.83 16.88
CA TYR A 54 13.16 -11.17 17.17
C TYR A 54 14.64 -10.94 17.42
N MET A 55 15.10 -9.89 16.75
CA MET A 55 16.47 -9.44 16.77
C MET A 55 16.97 -8.86 18.10
N MET A 56 16.21 -7.95 18.69
CA MET A 56 16.65 -7.37 19.97
C MET A 56 16.35 -8.43 21.02
N ASP A 57 15.49 -9.38 20.61
CA ASP A 57 15.06 -10.52 21.41
C ASP A 57 16.21 -11.54 21.48
N GLN A 58 17.35 -11.25 20.85
CA GLN A 58 18.54 -12.16 20.80
C GLN A 58 19.73 -11.48 21.40
N ASN A 59 19.45 -10.41 22.07
CA ASN A 59 20.47 -9.57 22.61
C ASN A 59 19.67 -9.30 23.89
N ASN A 60 18.84 -10.29 24.22
CA ASN A 60 17.93 -10.29 25.36
C ASN A 60 17.26 -8.96 25.71
N ILE A 61 16.67 -8.32 24.71
CA ILE A 61 15.91 -7.08 24.89
C ILE A 61 14.70 -7.20 23.96
N GLY A 62 13.85 -6.18 23.97
CA GLY A 62 12.69 -6.18 23.10
C GLY A 62 11.74 -5.05 23.43
N SER A 63 11.35 -4.29 22.41
CA SER A 63 10.45 -3.17 22.61
C SER A 63 9.03 -3.50 22.14
N GLY A 64 8.17 -2.50 22.24
CA GLY A 64 6.77 -2.60 21.83
C GLY A 64 6.02 -3.92 21.98
N SER A 65 6.01 -4.70 20.91
CA SER A 65 5.30 -5.95 20.98
C SER A 65 6.15 -7.16 20.71
N THR A 66 5.78 -8.22 21.40
CA THR A 66 6.39 -9.51 21.30
C THR A 66 6.60 -9.81 19.84
N VAL A 67 7.48 -10.76 19.55
CA VAL A 67 7.67 -11.12 18.16
C VAL A 67 6.33 -11.65 17.71
N ALA A 68 5.95 -12.74 18.38
CA ALA A 68 4.73 -13.51 18.18
C ALA A 68 3.43 -12.82 17.76
N GLU A 69 3.14 -11.64 18.31
CA GLU A 69 1.89 -10.97 17.92
C GLU A 69 2.03 -10.39 16.53
N LEU A 70 3.25 -10.04 16.17
CA LEU A 70 3.49 -9.52 14.84
C LEU A 70 3.23 -10.68 13.87
N MET A 71 3.59 -11.90 14.27
CA MET A 71 3.35 -13.07 13.42
C MET A 71 1.86 -13.18 13.10
N GLU A 72 1.07 -13.40 14.15
CA GLU A 72 -0.35 -13.55 13.99
C GLU A 72 -0.93 -12.32 13.28
N SER A 73 -0.44 -11.14 13.60
CA SER A 73 -0.92 -9.93 12.94
C SER A 73 -0.46 -10.02 11.50
N ALA A 74 0.65 -10.72 11.30
CA ALA A 74 1.20 -10.91 9.97
C ALA A 74 0.28 -11.88 9.23
N SER A 75 -0.32 -12.81 9.96
CA SER A 75 -1.21 -13.78 9.33
C SER A 75 -2.53 -13.11 8.96
N ILE A 76 -3.20 -12.56 9.97
CA ILE A 76 -4.48 -11.91 9.73
C ILE A 76 -4.46 -11.00 8.50
N SER A 77 -3.36 -10.32 8.25
CA SER A 77 -3.31 -9.42 7.10
C SER A 77 -3.03 -10.09 5.75
N LEU A 78 -2.19 -11.13 5.76
CA LEU A 78 -1.88 -11.88 4.54
C LEU A 78 -3.13 -12.61 4.05
N LYS A 79 -3.95 -13.04 4.99
CA LYS A 79 -5.19 -13.72 4.64
C LYS A 79 -6.20 -12.67 4.20
N GLN A 80 -6.09 -11.46 4.75
CA GLN A 80 -7.02 -10.38 4.36
C GLN A 80 -6.63 -10.08 2.93
N ALA A 81 -5.33 -10.28 2.68
CA ALA A 81 -4.75 -10.07 1.37
C ALA A 81 -5.24 -11.21 0.47
N GLU A 82 -4.97 -12.44 0.88
CA GLU A 82 -5.38 -13.62 0.12
C GLU A 82 -6.86 -13.55 -0.24
N LYS A 83 -7.64 -12.97 0.63
CA LYS A 83 -9.05 -12.91 0.39
C LYS A 83 -9.51 -11.84 -0.57
N ASN A 84 -8.97 -10.64 -0.40
CA ASN A 84 -9.31 -9.52 -1.29
C ASN A 84 -8.96 -9.97 -2.70
N TRP A 85 -7.86 -10.70 -2.81
CA TRP A 85 -7.45 -11.21 -4.10
C TRP A 85 -8.48 -12.19 -4.68
N ALA A 86 -9.17 -12.90 -3.80
CA ALA A 86 -10.15 -13.85 -4.24
C ALA A 86 -11.43 -13.16 -4.71
N ASP A 87 -11.80 -12.03 -4.09
CA ASP A 87 -13.03 -11.33 -4.50
C ASP A 87 -12.81 -10.74 -5.88
N TYR A 88 -11.53 -10.48 -6.17
CA TYR A 88 -11.11 -9.91 -7.43
C TYR A 88 -11.29 -10.97 -8.48
N GLU A 89 -10.53 -12.04 -8.34
CA GLU A 89 -10.57 -13.14 -9.29
C GLU A 89 -12.01 -13.54 -9.59
N ALA A 90 -12.84 -13.56 -8.54
CA ALA A 90 -14.24 -13.91 -8.68
C ALA A 90 -15.03 -12.83 -9.41
N LEU A 91 -14.40 -11.70 -9.71
CA LEU A 91 -15.10 -10.66 -10.45
C LEU A 91 -15.02 -11.15 -11.89
N PRO A 92 -16.16 -11.25 -12.57
CA PRO A 92 -16.25 -11.71 -13.95
C PRO A 92 -15.83 -10.72 -15.01
N ARG A 93 -14.85 -11.13 -15.81
CA ARG A 93 -14.26 -10.33 -16.87
C ARG A 93 -15.13 -9.90 -18.04
N ASP A 94 -14.97 -8.64 -18.41
CA ASP A 94 -15.68 -8.09 -19.55
C ASP A 94 -15.06 -8.78 -20.79
N PRO A 95 -15.90 -9.06 -21.81
CA PRO A 95 -15.41 -9.71 -23.04
C PRO A 95 -14.17 -8.99 -23.58
N ARG A 96 -13.99 -7.75 -23.16
CA ARG A 96 -12.90 -6.90 -23.61
C ARG A 96 -11.58 -6.97 -22.84
N GLN A 97 -11.53 -7.70 -21.74
CA GLN A 97 -10.30 -7.77 -20.96
C GLN A 97 -9.41 -8.95 -21.34
N SER A 98 -8.13 -8.66 -21.57
CA SER A 98 -7.18 -9.70 -21.94
C SER A 98 -7.01 -10.80 -20.89
N THR A 99 -7.24 -12.04 -21.28
CA THR A 99 -7.09 -13.18 -20.39
C THR A 99 -5.60 -13.34 -20.08
N ALA A 100 -4.75 -12.86 -20.99
CA ALA A 100 -3.31 -12.95 -20.80
C ALA A 100 -2.88 -11.92 -19.76
N ALA A 101 -3.53 -10.76 -19.80
CA ALA A 101 -3.24 -9.71 -18.85
C ALA A 101 -3.53 -10.23 -17.45
N ALA A 102 -4.76 -10.67 -17.21
CA ALA A 102 -5.14 -11.19 -15.91
C ALA A 102 -4.21 -12.27 -15.40
N ALA A 103 -3.83 -13.19 -16.28
CA ALA A 103 -2.95 -14.30 -15.96
C ALA A 103 -1.57 -13.82 -15.53
N GLU A 104 -1.19 -12.64 -16.03
CA GLU A 104 0.11 -12.08 -15.72
C GLU A 104 0.20 -11.45 -14.33
N ILE A 105 -0.82 -10.71 -13.93
CA ILE A 105 -0.81 -10.07 -12.62
C ILE A 105 -1.00 -11.13 -11.54
N LYS A 106 -1.75 -12.16 -11.88
CA LYS A 106 -2.03 -13.24 -10.95
C LYS A 106 -0.80 -14.08 -10.59
N ARG A 107 0.11 -14.25 -11.54
CA ARG A 107 1.28 -15.04 -11.23
C ARG A 107 2.31 -14.19 -10.49
N ASN A 108 2.24 -12.88 -10.70
CA ASN A 108 3.13 -11.96 -10.02
C ASN A 108 2.56 -11.80 -8.62
N TYR A 109 1.24 -11.81 -8.52
CA TYR A 109 0.59 -11.73 -7.23
C TYR A 109 0.96 -13.00 -6.49
N ASP A 110 0.95 -14.12 -7.23
CA ASP A 110 1.27 -15.41 -6.65
C ASP A 110 2.70 -15.54 -6.16
N ILE A 111 3.64 -14.95 -6.88
CA ILE A 111 5.03 -15.02 -6.44
C ILE A 111 5.22 -14.15 -5.20
N TYR A 112 4.80 -12.90 -5.30
CA TYR A 112 4.94 -11.97 -4.18
C TYR A 112 4.32 -12.62 -2.97
N HIS A 113 3.01 -12.86 -3.04
CA HIS A 113 2.26 -13.48 -1.96
C HIS A 113 3.04 -14.61 -1.29
N ASN A 114 3.49 -15.54 -2.12
CA ASN A 114 4.20 -16.71 -1.64
C ASN A 114 5.48 -16.53 -0.87
N ALA A 115 6.31 -15.57 -1.24
CA ALA A 115 7.54 -15.33 -0.52
C ALA A 115 7.11 -14.75 0.81
N LEU A 116 6.00 -14.03 0.80
CA LEU A 116 5.48 -13.45 2.03
C LEU A 116 5.15 -14.60 2.98
N ALA A 117 4.39 -15.56 2.48
CA ALA A 117 4.02 -16.73 3.27
C ALA A 117 5.33 -17.42 3.68
N GLU A 118 6.20 -17.63 2.70
CA GLU A 118 7.47 -18.27 2.96
C GLU A 118 8.25 -17.52 4.02
N LEU A 119 8.16 -16.19 4.02
CA LEU A 119 8.87 -15.39 5.00
C LEU A 119 8.56 -15.82 6.42
N ILE A 120 7.31 -15.62 6.81
CA ILE A 120 6.78 -16.01 8.13
C ILE A 120 7.49 -17.28 8.62
N GLN A 121 7.31 -18.35 7.85
CA GLN A 121 7.91 -19.64 8.14
C GLN A 121 9.37 -19.47 8.55
N LEU A 122 10.13 -18.81 7.69
CA LEU A 122 11.54 -18.55 7.95
C LEU A 122 11.75 -18.02 9.36
N LEU A 123 10.89 -17.09 9.75
CA LEU A 123 10.93 -16.49 11.08
C LEU A 123 10.58 -17.45 12.20
N GLY A 124 9.50 -18.20 12.04
CA GLY A 124 9.11 -19.16 13.05
C GLY A 124 10.26 -20.16 13.16
N ALA A 125 10.86 -20.45 12.02
CA ALA A 125 11.99 -21.37 11.87
C ALA A 125 13.21 -20.59 12.38
N GLY A 126 12.94 -19.35 12.77
CA GLY A 126 13.96 -18.46 13.29
C GLY A 126 15.19 -18.13 12.52
N LYS A 127 15.49 -18.87 11.48
CA LYS A 127 16.68 -18.49 10.80
C LYS A 127 16.40 -17.30 9.89
N ILE A 128 16.79 -16.20 10.48
CA ILE A 128 16.71 -14.81 10.06
C ILE A 128 17.67 -14.27 9.00
N ASN A 129 18.66 -15.03 8.58
CA ASN A 129 19.58 -14.52 7.59
C ASN A 129 19.08 -14.98 6.23
N GLU A 130 18.41 -16.11 6.26
CA GLU A 130 17.89 -16.73 5.02
C GLU A 130 16.70 -15.86 4.46
N PHE A 131 16.11 -15.09 5.37
CA PHE A 131 14.88 -14.29 5.16
C PHE A 131 15.14 -12.81 4.68
N PHE A 132 16.10 -12.14 5.30
CA PHE A 132 16.47 -10.78 4.94
C PHE A 132 16.95 -10.86 3.50
N ASP A 133 17.54 -11.99 3.17
CA ASP A 133 18.10 -12.20 1.83
C ASP A 133 17.15 -12.61 0.74
N GLN A 134 15.91 -12.88 1.10
CA GLN A 134 14.98 -13.24 0.04
C GLN A 134 14.76 -11.93 -0.73
N PRO A 135 14.98 -11.95 -2.05
CA PRO A 135 14.79 -10.75 -2.86
C PRO A 135 13.30 -10.43 -2.98
N THR A 136 12.67 -10.15 -1.84
CA THR A 136 11.27 -9.84 -1.80
C THR A 136 11.01 -8.59 -2.64
N GLN A 137 11.92 -7.62 -2.57
CA GLN A 137 11.77 -6.37 -3.31
C GLN A 137 11.52 -6.67 -4.77
N GLY A 138 12.19 -7.70 -5.27
CA GLY A 138 12.04 -8.11 -6.66
C GLY A 138 10.65 -8.60 -6.98
N TYR A 139 10.06 -9.38 -6.07
CA TYR A 139 8.73 -9.92 -6.30
C TYR A 139 7.68 -8.83 -6.15
N GLN A 140 7.85 -8.00 -5.14
CA GLN A 140 6.91 -6.93 -4.92
C GLN A 140 6.83 -6.11 -6.19
N ASP A 141 7.99 -5.69 -6.67
CA ASP A 141 8.05 -4.87 -7.87
C ASP A 141 7.40 -5.60 -9.03
N GLY A 142 7.71 -6.89 -9.15
CA GLY A 142 7.13 -7.66 -10.22
C GLY A 142 5.63 -7.46 -10.25
N PHE A 143 5.04 -7.39 -9.06
CA PHE A 143 3.61 -7.20 -8.91
C PHE A 143 3.21 -5.76 -9.17
N GLU A 144 3.91 -4.84 -8.54
CA GLU A 144 3.61 -3.42 -8.68
C GLU A 144 3.40 -3.09 -10.16
N LYS A 145 4.32 -3.55 -11.01
CA LYS A 145 4.25 -3.32 -12.44
C LYS A 145 2.95 -3.76 -13.12
N GLN A 146 2.59 -5.04 -12.94
CA GLN A 146 1.37 -5.58 -13.54
C GLN A 146 0.16 -4.85 -12.99
N TYR A 147 0.20 -4.59 -11.70
CA TYR A 147 -0.89 -3.90 -11.01
C TYR A 147 -1.13 -2.56 -11.66
N VAL A 148 -0.06 -1.87 -12.02
CA VAL A 148 -0.21 -0.58 -12.66
C VAL A 148 -0.60 -0.77 -14.10
N ALA A 149 0.03 -1.75 -14.75
CA ALA A 149 -0.29 -2.04 -16.13
C ALA A 149 -1.78 -2.37 -16.17
N TYR A 150 -2.21 -3.22 -15.25
CA TYR A 150 -3.60 -3.61 -15.21
C TYR A 150 -4.46 -2.38 -15.09
N MET A 151 -4.25 -1.64 -14.01
CA MET A 151 -4.99 -0.42 -13.78
C MET A 151 -5.10 0.43 -15.05
N GLU A 152 -3.96 0.66 -15.70
CA GLU A 152 -3.91 1.43 -16.94
C GLU A 152 -4.85 0.80 -17.97
N GLN A 153 -4.75 -0.52 -18.11
CA GLN A 153 -5.59 -1.24 -19.04
C GLN A 153 -7.07 -1.00 -18.72
N ASN A 154 -7.40 -1.02 -17.43
CA ASN A 154 -8.78 -0.79 -17.01
C ASN A 154 -9.23 0.66 -17.09
N ASP A 155 -8.34 1.61 -16.84
CA ASP A 155 -8.74 3.01 -16.91
C ASP A 155 -9.09 3.30 -18.36
N ARG A 156 -8.32 2.69 -19.25
CA ARG A 156 -8.51 2.85 -20.68
C ARG A 156 -9.81 2.22 -21.15
N LEU A 157 -10.12 1.04 -20.63
CA LEU A 157 -11.34 0.37 -21.03
C LEU A 157 -12.47 1.25 -20.53
N HIS A 158 -12.41 1.53 -19.23
CA HIS A 158 -13.40 2.35 -18.56
C HIS A 158 -13.83 3.53 -19.40
N ASP A 159 -12.89 4.41 -19.73
CA ASP A 159 -13.19 5.58 -20.54
C ASP A 159 -13.79 5.16 -21.88
N ILE A 160 -13.26 4.09 -22.46
CA ILE A 160 -13.74 3.58 -23.73
C ILE A 160 -15.24 3.32 -23.68
N ALA A 161 -15.72 2.85 -22.54
CA ALA A 161 -17.14 2.56 -22.35
C ALA A 161 -17.90 3.88 -22.22
N VAL A 162 -17.47 4.71 -21.29
CA VAL A 162 -18.08 6.02 -21.06
C VAL A 162 -18.24 6.70 -22.40
N SER A 163 -17.27 6.42 -23.27
CA SER A 163 -17.19 6.96 -24.61
C SER A 163 -18.26 6.51 -25.60
N ASP A 164 -18.79 5.31 -25.42
CA ASP A 164 -19.80 4.79 -26.35
C ASP A 164 -21.21 5.12 -25.85
N ASN A 165 -21.33 5.29 -24.55
CA ASN A 165 -22.59 5.64 -23.92
C ASN A 165 -22.89 7.10 -24.20
N ASN A 166 -22.12 7.98 -23.54
CA ASN A 166 -22.24 9.43 -23.68
C ASN A 166 -22.40 9.79 -25.16
N ALA A 167 -22.01 8.87 -26.04
CA ALA A 167 -22.16 9.13 -27.45
C ALA A 167 -23.52 8.61 -27.88
N SER A 168 -23.70 7.30 -27.71
CA SER A 168 -24.94 6.63 -28.10
C SER A 168 -26.19 7.20 -27.41
N TYR A 169 -26.02 7.75 -26.21
CA TYR A 169 -27.17 8.31 -25.49
C TYR A 169 -28.12 9.01 -26.45
N GLU B 18 -19.77 18.59 -16.85
CA GLU B 18 -20.07 18.70 -15.39
C GLU B 18 -19.66 17.40 -14.71
N ASN B 19 -20.37 16.33 -15.01
CA ASN B 19 -20.06 15.05 -14.39
C ASN B 19 -18.71 14.52 -14.84
N PHE B 20 -18.14 15.14 -15.86
CA PHE B 20 -16.82 14.75 -16.28
C PHE B 20 -16.06 15.45 -15.16
N THR B 21 -16.23 16.77 -15.11
CA THR B 21 -15.60 17.63 -14.11
C THR B 21 -15.55 17.04 -12.70
N VAL B 22 -16.62 16.37 -12.29
CA VAL B 22 -16.67 15.81 -10.95
C VAL B 22 -16.09 14.40 -10.87
N LEU B 23 -15.93 13.75 -12.01
CA LEU B 23 -15.43 12.38 -12.00
C LEU B 23 -14.00 12.21 -12.49
N GLN B 24 -13.53 13.11 -13.35
CA GLN B 24 -12.16 13.00 -13.82
C GLN B 24 -11.31 13.53 -12.67
N THR B 25 -11.99 14.10 -11.69
CA THR B 25 -11.30 14.67 -10.56
C THR B 25 -11.33 13.79 -9.31
N ILE B 26 -12.50 13.22 -9.01
CA ILE B 26 -12.60 12.35 -7.86
C ILE B 26 -11.74 11.11 -8.09
N ARG B 27 -11.83 10.55 -9.28
CA ARG B 27 -11.06 9.35 -9.64
C ARG B 27 -9.58 9.70 -9.51
N GLN B 28 -9.29 10.99 -9.63
CA GLN B 28 -7.95 11.50 -9.59
C GLN B 28 -7.42 11.78 -8.18
N GLN B 29 -8.31 12.12 -7.26
CA GLN B 29 -7.88 12.39 -5.90
C GLN B 29 -7.62 11.03 -5.29
N GLN B 30 -8.48 10.10 -5.68
CA GLN B 30 -8.44 8.72 -5.22
C GLN B 30 -7.15 8.05 -5.66
N SER B 31 -6.76 8.22 -6.91
CA SER B 31 -5.54 7.57 -7.34
C SER B 31 -4.28 8.23 -6.82
N THR B 32 -4.23 9.56 -6.80
CA THR B 32 -3.04 10.22 -6.28
C THR B 32 -2.90 9.87 -4.81
N LEU B 33 -3.96 10.11 -4.06
CA LEU B 33 -3.97 9.80 -2.65
C LEU B 33 -3.55 8.35 -2.37
N ASN B 34 -3.87 7.43 -3.29
CA ASN B 34 -3.53 6.02 -3.11
C ASN B 34 -2.02 5.79 -3.27
N GLY B 35 -1.46 6.33 -4.35
CA GLY B 35 -0.04 6.17 -4.60
C GLY B 35 0.75 6.65 -3.40
N SER B 36 0.30 7.76 -2.83
CA SER B 36 0.98 8.31 -1.68
C SER B 36 0.84 7.36 -0.50
N TRP B 37 -0.39 6.94 -0.24
CA TRP B 37 -0.63 6.00 0.84
C TRP B 37 0.32 4.81 0.59
N VAL B 38 0.38 4.32 -0.65
CA VAL B 38 1.24 3.19 -0.93
C VAL B 38 2.73 3.48 -0.77
N ALA B 39 3.13 4.74 -1.01
CA ALA B 39 4.53 5.12 -0.86
C ALA B 39 4.90 5.30 0.60
N LEU B 40 3.90 5.51 1.45
CA LEU B 40 4.16 5.67 2.86
C LEU B 40 4.48 4.30 3.47
N LEU B 41 3.77 3.28 3.00
CA LEU B 41 3.97 1.92 3.49
C LEU B 41 5.30 1.36 3.00
N GLN B 42 5.61 1.60 1.74
CA GLN B 42 6.84 1.08 1.20
C GLN B 42 8.01 1.69 1.95
N THR B 43 7.85 2.94 2.32
CA THR B 43 8.87 3.67 3.03
C THR B 43 8.98 3.14 4.44
N ARG B 44 7.85 2.90 5.08
CA ARG B 44 7.88 2.36 6.41
C ARG B 44 8.60 1.01 6.34
N ASN B 45 8.19 0.16 5.40
CA ASN B 45 8.80 -1.16 5.25
C ASN B 45 10.31 -1.11 5.07
N THR B 46 10.73 -0.34 4.08
CA THR B 46 12.12 -0.20 3.79
C THR B 46 12.87 0.27 5.03
N LEU B 47 12.20 1.04 5.88
CA LEU B 47 12.82 1.53 7.09
C LEU B 47 13.11 0.36 8.03
N ASN B 48 12.20 -0.58 8.14
CA ASN B 48 12.42 -1.72 9.02
C ASN B 48 13.47 -2.67 8.46
N ARG B 49 13.59 -2.76 7.15
CA ARG B 49 14.60 -3.63 6.59
C ARG B 49 15.96 -3.06 6.97
N ALA B 50 16.05 -1.73 6.97
CA ALA B 50 17.29 -1.06 7.35
C ALA B 50 17.48 -1.33 8.84
N GLY B 51 16.38 -1.27 9.58
CA GLY B 51 16.44 -1.54 11.02
C GLY B 51 17.13 -2.86 11.28
N ILE B 52 16.63 -3.93 10.64
CA ILE B 52 17.20 -5.27 10.77
C ILE B 52 18.68 -5.24 10.34
N ARG B 53 18.90 -4.84 9.09
CA ARG B 53 20.23 -4.75 8.50
C ARG B 53 21.24 -4.25 9.51
N TYR B 54 20.84 -3.24 10.28
CA TYR B 54 21.70 -2.64 11.29
C TYR B 54 22.19 -3.66 12.31
N MET B 55 21.28 -4.15 13.12
CA MET B 55 21.60 -5.13 14.15
C MET B 55 22.55 -6.16 13.56
N MET B 56 22.16 -6.69 12.42
CA MET B 56 22.94 -7.70 11.70
C MET B 56 24.32 -7.14 11.41
N ASP B 57 24.38 -5.85 11.14
CA ASP B 57 25.65 -5.18 10.85
C ASP B 57 26.39 -4.95 12.17
N GLN B 58 25.69 -4.46 13.19
CA GLN B 58 26.34 -4.21 14.49
C GLN B 58 26.71 -5.53 15.15
N ASN B 59 25.84 -6.54 15.04
CA ASN B 59 26.16 -7.82 15.66
C ASN B 59 27.27 -8.61 14.96
N ASN B 60 26.93 -9.58 14.11
CA ASN B 60 27.95 -10.42 13.47
C ASN B 60 27.80 -10.61 11.95
N ILE B 61 26.63 -11.15 11.61
CA ILE B 61 26.20 -11.51 10.24
C ILE B 61 25.39 -10.40 9.58
N GLY B 62 25.70 -10.13 8.30
CA GLY B 62 24.94 -9.12 7.58
C GLY B 62 24.61 -9.45 6.14
N SER B 63 23.37 -9.91 5.96
CA SER B 63 22.85 -10.31 4.67
C SER B 63 22.22 -9.21 3.86
N GLY B 64 22.17 -9.42 2.55
CA GLY B 64 21.58 -8.45 1.65
C GLY B 64 22.03 -7.00 1.70
N SER B 65 21.17 -6.18 1.11
CA SER B 65 21.35 -4.72 1.01
C SER B 65 21.83 -4.05 2.28
N THR B 66 22.89 -3.26 2.12
CA THR B 66 23.49 -2.53 3.22
C THR B 66 22.44 -1.64 3.86
N VAL B 67 22.84 -0.93 4.91
CA VAL B 67 21.98 -0.01 5.67
C VAL B 67 21.73 1.32 4.95
N ALA B 68 22.77 1.83 4.32
CA ALA B 68 22.72 3.07 3.58
C ALA B 68 21.87 3.05 2.31
N GLU B 69 21.92 1.96 1.57
CA GLU B 69 21.12 1.85 0.37
C GLU B 69 19.66 1.78 0.78
N LEU B 70 19.41 0.95 1.79
CA LEU B 70 18.06 0.76 2.30
C LEU B 70 17.53 2.09 2.78
N MET B 71 18.41 2.84 3.41
CA MET B 71 18.02 4.11 3.97
C MET B 71 17.78 5.28 3.00
N GLU B 72 18.28 5.22 1.78
CA GLU B 72 18.04 6.35 0.90
C GLU B 72 16.93 6.02 -0.08
N SER B 73 16.49 4.76 -0.04
CA SER B 73 15.38 4.33 -0.87
C SER B 73 14.24 4.87 -0.05
N ALA B 74 14.28 4.56 1.23
CA ALA B 74 13.28 5.03 2.17
C ALA B 74 13.15 6.50 1.91
N SER B 75 14.29 7.13 1.66
CA SER B 75 14.34 8.55 1.40
C SER B 75 13.74 8.96 0.05
N ILE B 76 13.90 8.11 -0.95
CA ILE B 76 13.37 8.36 -2.28
C ILE B 76 11.86 8.06 -2.31
N SER B 77 11.49 6.83 -1.95
CA SER B 77 10.08 6.45 -1.92
C SER B 77 9.29 7.42 -1.03
N LEU B 78 9.93 8.00 -0.03
CA LEU B 78 9.25 8.94 0.85
C LEU B 78 8.95 10.23 0.10
N LYS B 79 9.92 10.70 -0.66
CA LYS B 79 9.71 11.91 -1.44
C LYS B 79 8.57 11.60 -2.39
N GLN B 80 8.59 10.37 -2.90
CA GLN B 80 7.60 9.88 -3.84
C GLN B 80 6.22 10.03 -3.22
N ALA B 81 6.17 9.94 -1.91
CA ALA B 81 4.92 10.10 -1.18
C ALA B 81 4.43 11.54 -1.12
N GLU B 82 5.35 12.47 -0.90
CA GLU B 82 4.99 13.87 -0.80
C GLU B 82 4.52 14.39 -2.13
N LYS B 83 5.16 13.89 -3.17
CA LYS B 83 4.82 14.30 -4.52
C LYS B 83 3.40 13.88 -4.85
N ASN B 84 3.03 12.68 -4.44
CA ASN B 84 1.70 12.17 -4.69
C ASN B 84 0.71 12.92 -3.82
N TRP B 85 1.14 13.28 -2.62
CA TRP B 85 0.27 14.05 -1.73
C TRP B 85 0.03 15.42 -2.34
N ALA B 86 1.08 15.98 -2.91
CA ALA B 86 1.01 17.29 -3.53
C ALA B 86 0.13 17.26 -4.78
N ASP B 87 0.29 16.22 -5.61
CA ASP B 87 -0.54 16.10 -6.82
C ASP B 87 -2.02 16.07 -6.35
N TYR B 88 -2.23 15.38 -5.24
CA TYR B 88 -3.55 15.22 -4.67
C TYR B 88 -4.12 16.56 -4.26
N GLU B 89 -3.41 17.23 -3.35
CA GLU B 89 -3.84 18.51 -2.85
C GLU B 89 -4.14 19.50 -3.96
N ALA B 90 -3.27 19.57 -4.95
CA ALA B 90 -3.47 20.49 -6.07
C ALA B 90 -4.77 20.24 -6.83
N LEU B 91 -5.39 19.10 -6.57
CA LEU B 91 -6.63 18.76 -7.25
C LEU B 91 -7.75 19.65 -6.68
N PRO B 92 -8.42 20.39 -7.56
CA PRO B 92 -9.51 21.29 -7.16
C PRO B 92 -10.62 20.50 -6.53
N ARG B 93 -11.00 20.90 -5.31
CA ARG B 93 -12.06 20.23 -4.56
C ARG B 93 -13.48 20.48 -5.05
N ASP B 94 -14.35 19.48 -4.85
CA ASP B 94 -15.75 19.58 -5.23
C ASP B 94 -16.46 20.36 -4.12
N PRO B 95 -17.48 21.16 -4.47
CA PRO B 95 -18.25 21.98 -3.53
C PRO B 95 -18.96 21.20 -2.42
N ARG B 96 -19.22 19.93 -2.68
CA ARG B 96 -19.92 19.11 -1.70
C ARG B 96 -19.01 18.23 -0.88
N GLN B 97 -17.71 18.31 -1.15
CA GLN B 97 -16.71 17.54 -0.42
C GLN B 97 -16.42 18.23 0.91
N SER B 98 -16.48 17.46 1.99
CA SER B 98 -16.22 17.99 3.33
C SER B 98 -14.82 18.59 3.45
N THR B 99 -14.75 19.83 3.95
CA THR B 99 -13.47 20.51 4.10
C THR B 99 -12.78 20.28 5.44
N ALA B 100 -13.41 19.46 6.28
CA ALA B 100 -12.85 19.09 7.58
C ALA B 100 -12.35 17.68 7.35
N ALA B 101 -12.97 17.01 6.40
CA ALA B 101 -12.56 15.67 6.02
C ALA B 101 -11.20 15.89 5.39
N ALA B 102 -11.15 16.75 4.38
CA ALA B 102 -9.89 17.07 3.70
C ALA B 102 -8.79 17.52 4.67
N ALA B 103 -9.17 18.20 5.75
CA ALA B 103 -8.20 18.68 6.71
C ALA B 103 -7.83 17.65 7.76
N GLU B 104 -8.72 16.70 7.98
CA GLU B 104 -8.48 15.66 8.96
C GLU B 104 -7.53 14.63 8.35
N ILE B 105 -7.70 14.38 7.06
CA ILE B 105 -6.83 13.43 6.39
C ILE B 105 -5.44 14.03 6.30
N LYS B 106 -5.38 15.30 5.95
CA LYS B 106 -4.13 16.03 5.81
C LYS B 106 -3.35 16.08 7.11
N ARG B 107 -4.08 16.08 8.21
CA ARG B 107 -3.46 16.11 9.51
C ARG B 107 -2.85 14.75 9.80
N ASN B 108 -3.62 13.67 9.64
CA ASN B 108 -3.11 12.32 9.88
C ASN B 108 -1.98 11.98 8.90
N TYR B 109 -2.04 12.62 7.73
CA TYR B 109 -1.03 12.46 6.68
C TYR B 109 0.27 13.15 7.11
N ASP B 110 0.13 14.33 7.70
CA ASP B 110 1.31 15.07 8.15
C ASP B 110 2.03 14.39 9.30
N ILE B 111 1.28 13.85 10.26
CA ILE B 111 1.90 13.20 11.41
C ILE B 111 2.50 11.84 11.05
N TYR B 112 1.81 11.09 10.21
CA TYR B 112 2.32 9.79 9.80
C TYR B 112 3.56 10.04 8.95
N HIS B 113 3.45 11.01 8.05
CA HIS B 113 4.54 11.35 7.15
C HIS B 113 5.76 11.80 7.91
N ASN B 114 5.53 12.53 9.00
CA ASN B 114 6.62 12.99 9.81
C ASN B 114 7.11 11.86 10.70
N ALA B 115 6.19 11.03 11.18
CA ALA B 115 6.62 9.93 12.03
C ALA B 115 7.76 9.19 11.35
N LEU B 116 7.67 9.10 10.02
CA LEU B 116 8.69 8.41 9.22
C LEU B 116 9.93 9.23 8.88
N ALA B 117 9.75 10.53 8.63
CA ALA B 117 10.89 11.39 8.31
C ALA B 117 11.86 11.43 9.49
N GLU B 118 11.33 11.16 10.67
CA GLU B 118 12.15 11.15 11.88
C GLU B 118 12.80 9.77 12.09
N LEU B 119 12.03 8.70 11.95
CA LEU B 119 12.57 7.35 12.12
C LEU B 119 13.94 7.23 11.45
N ILE B 120 14.07 7.94 10.34
CA ILE B 120 15.30 7.95 9.56
C ILE B 120 16.56 8.43 10.28
N GLN B 121 16.72 9.73 10.47
CA GLN B 121 17.93 10.23 11.13
C GLN B 121 18.05 9.58 12.50
N LEU B 122 16.91 9.22 13.04
CA LEU B 122 16.79 8.57 14.33
C LEU B 122 17.61 7.29 14.17
N LEU B 123 17.96 7.02 12.91
CA LEU B 123 18.76 5.86 12.51
C LEU B 123 20.18 6.24 12.12
N GLY B 124 20.37 7.45 11.61
CA GLY B 124 21.72 7.86 11.26
C GLY B 124 22.37 7.95 12.61
N ALA B 125 21.52 8.35 13.55
CA ALA B 125 21.89 8.48 14.95
C ALA B 125 21.95 7.07 15.51
N GLY B 126 21.71 6.11 14.62
CA GLY B 126 21.77 4.73 15.02
C GLY B 126 21.05 4.27 16.25
N LYS B 127 20.38 5.12 17.02
CA LYS B 127 19.76 4.39 18.09
C LYS B 127 18.49 3.72 17.66
N ILE B 128 18.81 2.48 17.40
CA ILE B 128 18.02 1.38 16.93
C ILE B 128 17.03 1.01 18.00
N ASN B 129 17.17 1.61 19.17
CA ASN B 129 16.28 1.31 20.28
C ASN B 129 14.97 2.05 20.35
N GLU B 130 15.02 3.37 20.32
CA GLU B 130 13.79 4.13 20.35
C GLU B 130 13.09 3.93 19.01
N PHE B 131 13.90 3.83 17.96
CA PHE B 131 13.43 3.63 16.60
C PHE B 131 12.27 2.62 16.56
N PHE B 132 12.52 1.43 17.11
CA PHE B 132 11.52 0.38 17.13
C PHE B 132 10.36 0.72 18.07
N ASP B 133 10.56 1.74 18.88
CA ASP B 133 9.57 2.16 19.86
C ASP B 133 8.56 3.23 19.47
N GLN B 134 8.85 4.02 18.44
CA GLN B 134 7.91 5.07 18.03
C GLN B 134 6.53 4.50 17.75
N PRO B 135 5.48 5.20 18.18
CA PRO B 135 4.11 4.73 17.95
C PRO B 135 3.75 4.84 16.48
N THR B 136 4.58 4.24 15.63
CA THR B 136 4.33 4.31 14.20
C THR B 136 3.09 3.53 13.84
N GLN B 137 3.03 2.28 14.27
CA GLN B 137 1.86 1.48 13.97
C GLN B 137 0.60 2.27 14.34
N GLY B 138 0.74 3.20 15.29
CA GLY B 138 -0.40 4.00 15.70
C GLY B 138 -0.71 5.13 14.73
N TYR B 139 0.33 5.86 14.33
CA TYR B 139 0.18 6.99 13.41
C TYR B 139 -0.37 6.57 12.04
N GLN B 140 -0.08 5.32 11.67
CA GLN B 140 -0.50 4.78 10.38
C GLN B 140 -2.00 4.55 10.26
N ASP B 141 -2.57 3.71 11.12
CA ASP B 141 -4.02 3.51 11.02
C ASP B 141 -4.64 4.84 11.36
N GLY B 142 -3.84 5.72 11.97
CA GLY B 142 -4.34 7.04 12.26
C GLY B 142 -4.68 7.55 10.88
N PHE B 143 -3.69 7.45 9.98
CA PHE B 143 -3.84 7.88 8.61
C PHE B 143 -4.81 6.97 7.85
N GLU B 144 -4.50 5.68 7.83
CA GLU B 144 -5.33 4.71 7.11
C GLU B 144 -6.80 4.83 7.48
N LYS B 145 -7.08 5.49 8.59
CA LYS B 145 -8.45 5.63 9.02
C LYS B 145 -9.24 6.73 8.28
N GLN B 146 -8.58 7.82 7.93
CA GLN B 146 -9.26 8.90 7.20
C GLN B 146 -9.19 8.57 5.71
N TYR B 147 -8.02 8.14 5.28
CA TYR B 147 -7.82 7.76 3.90
C TYR B 147 -9.03 6.91 3.47
N VAL B 148 -9.42 6.00 4.34
CA VAL B 148 -10.55 5.14 4.04
C VAL B 148 -11.91 5.81 4.06
N ALA B 149 -12.09 6.84 4.90
CA ALA B 149 -13.37 7.53 4.95
C ALA B 149 -13.45 8.48 3.78
N TYR B 150 -12.32 9.07 3.41
CA TYR B 150 -12.30 9.99 2.30
C TYR B 150 -12.74 9.15 1.10
N MET B 151 -12.18 7.95 1.00
CA MET B 151 -12.51 7.01 -0.09
C MET B 151 -14.01 6.74 -0.05
N GLU B 152 -14.47 6.37 1.13
CA GLU B 152 -15.87 6.08 1.32
C GLU B 152 -16.74 7.23 0.84
N GLN B 153 -16.56 8.39 1.47
CA GLN B 153 -17.29 9.60 1.15
C GLN B 153 -17.24 9.94 -0.34
N ASN B 154 -16.06 9.79 -0.94
CA ASN B 154 -15.93 10.09 -2.36
C ASN B 154 -16.69 9.11 -3.23
N ASP B 155 -16.51 7.82 -2.97
CA ASP B 155 -17.23 6.83 -3.77
C ASP B 155 -18.70 7.19 -3.72
N ARG B 156 -19.19 7.30 -2.50
CA ARG B 156 -20.58 7.65 -2.24
C ARG B 156 -20.95 8.96 -2.94
N LEU B 157 -19.98 9.83 -3.16
CA LEU B 157 -20.22 11.11 -3.82
C LEU B 157 -20.26 10.89 -5.32
N HIS B 158 -19.70 9.75 -5.74
CA HIS B 158 -19.63 9.41 -7.15
C HIS B 158 -20.92 8.78 -7.64
N ASP B 159 -21.50 7.89 -6.86
CA ASP B 159 -22.75 7.27 -7.29
C ASP B 159 -23.73 8.43 -7.40
N ILE B 160 -23.94 9.12 -6.29
CA ILE B 160 -24.81 10.27 -6.23
C ILE B 160 -24.51 11.15 -7.44
N ALA B 161 -23.22 11.45 -7.62
CA ALA B 161 -22.79 12.28 -8.73
C ALA B 161 -23.34 11.74 -10.04
N VAL B 162 -22.96 10.51 -10.38
CA VAL B 162 -23.41 9.92 -11.64
C VAL B 162 -24.90 9.78 -11.78
N SER B 163 -25.65 9.96 -10.69
CA SER B 163 -27.07 9.82 -10.80
C SER B 163 -27.82 11.04 -11.36
N ASP B 164 -27.29 12.24 -11.14
CA ASP B 164 -27.91 13.45 -11.67
C ASP B 164 -27.84 13.55 -13.20
N ASN B 165 -26.66 13.32 -13.79
CA ASN B 165 -26.54 13.40 -15.25
C ASN B 165 -27.22 12.26 -15.94
N ASN B 166 -27.31 11.13 -15.24
CA ASN B 166 -27.98 9.97 -15.78
C ASN B 166 -29.44 10.30 -15.57
N ALA B 167 -29.68 11.19 -14.61
CA ALA B 167 -31.02 11.64 -14.26
C ALA B 167 -31.55 12.58 -15.35
N SER B 168 -30.67 13.42 -15.87
CA SER B 168 -31.07 14.34 -16.92
C SER B 168 -31.26 13.50 -18.17
#